data_2Z82
#
_entry.id   2Z82
#
_cell.length_a   84.650
_cell.length_b   81.334
_cell.length_c   90.904
_cell.angle_alpha   90.00
_cell.angle_beta   90.00
_cell.angle_gamma   90.00
#
_symmetry.space_group_name_H-M   'P 21 21 21'
#
loop_
_entity.id
_entity.type
_entity.pdbx_description
1 polymer 'Toll-like receptor 2, Variable lymphocyte receptor B'
2 branched 2-acetamido-2-deoxy-beta-D-glucopyranose-(1-4)-2-acetamido-2-deoxy-beta-D-glucopyranose
3 branched alpha-D-mannopyranose-(1-4)-2-acetamido-2-deoxy-beta-D-glucopyranose-(1-4)-2-acetamido-2-deoxy-beta-D-glucopyranose
4 non-polymer 2-acetamido-2-deoxy-beta-D-glucopyranose
5 non-polymer '(2R)-3-{[(2R)-2-AMINO-3-HYDROXYPROPYL]THIO}PROPANE-1,2-DIYL DIHEXADECANOATE'
6 water water
#
_entity_poly.entity_id   1
_entity_poly.type   'polypeptide(L)'
_entity_poly.pdbx_seq_one_letter_code
;SLSCDASGVCDGRSRSFTSIPSGLTAAMKSLDLSFNKITYIGHGDLRACANLQVLILKSSRINTIEGDAFYSLGSLEHLD
LSDNHLSSLSSSWFGPLSSLKYLNLMGNPYQTLGVTSLFPNLTNLQTLRIGNVETFSEIRRIDFAGLTSLNELEIKALSL
RNYQSQSLKSIRDIHHLTLHLSESAFLLEIFADILSSVRYLELRDTNLARFQFSPLPVDEVSSPMKKLAFRGSVLTDESF
NELLKLLRYILELSEVEFDDCTLNGLGDFNPSESDVVSELGKVETVTIRRLHIPQFYLFYDLSTVYSLLEKVKRITVENS
KVFLVPCSFSQHLKSLEFLDLSENLMVEEYLKNSACKGAWPSLQTLVLSQNHLRSMQKTGEILLTLKNLTSLDISRNTFH
PMPDSCQWPEKMRFLNLSSTGIRVVKTCIPQTLEVLDVSNNNLDSFSLFLPRLQELYISRNKLKTLPDASLFPVLLVMKI
SRNQLKSVPDGIFDRLTSLQKIWLHTNPWDCSCPRIDYLSRWLNKNSQKEQGSAKCSGSGKPVRSIICP
;
_entity_poly.pdbx_strand_id   A
#
loop_
_chem_comp.id
_chem_comp.type
_chem_comp.name
_chem_comp.formula
MAN D-saccharide, alpha linking alpha-D-mannopyranose 'C6 H12 O6'
NAG D-saccharide, beta linking 2-acetamido-2-deoxy-beta-D-glucopyranose 'C8 H15 N O6'
PDJ non-polymer '(2R)-3-{[(2R)-2-AMINO-3-HYDROXYPROPYL]THIO}PROPANE-1,2-DIYL DIHEXADECANOATE' 'C38 H75 N O5 S'
#
# COMPACT_ATOMS: atom_id res chain seq x y z
N SER A 1 30.68 24.82 0.16
CA SER A 1 31.15 23.56 0.80
C SER A 1 30.32 22.36 0.34
N LEU A 2 29.73 22.48 -0.84
CA LEU A 2 28.90 21.41 -1.39
C LEU A 2 29.77 20.39 -2.11
N SER A 3 29.41 19.11 -1.97
CA SER A 3 30.19 18.07 -2.61
C SER A 3 29.41 17.32 -3.68
N CYS A 4 30.04 17.15 -4.85
CA CYS A 4 29.43 16.46 -5.97
C CYS A 4 30.10 15.12 -6.22
N ASP A 5 29.37 14.20 -6.82
CA ASP A 5 29.93 12.90 -7.15
C ASP A 5 30.46 13.10 -8.56
N ALA A 6 31.12 12.10 -9.12
CA ALA A 6 31.66 12.23 -10.46
C ALA A 6 30.57 12.42 -11.50
N SER A 7 29.33 12.13 -11.13
CA SER A 7 28.21 12.23 -12.07
C SER A 7 27.47 13.58 -12.11
N GLY A 8 27.95 14.55 -11.34
CA GLY A 8 27.31 15.86 -11.35
C GLY A 8 26.13 15.96 -10.39
N VAL A 9 26.22 15.22 -9.30
CA VAL A 9 25.18 15.22 -8.29
C VAL A 9 25.79 15.85 -7.04
N CYS A 10 25.42 17.09 -6.76
CA CYS A 10 25.97 17.79 -5.61
C CYS A 10 25.03 17.88 -4.43
N ASP A 11 25.58 17.64 -3.25
CA ASP A 11 24.83 17.68 -2.00
C ASP A 11 25.16 19.00 -1.34
N GLY A 12 24.12 19.70 -0.88
CA GLY A 12 24.29 20.96 -0.20
C GLY A 12 23.36 20.97 0.99
N ARG A 13 22.61 19.88 1.09
CA ARG A 13 21.63 19.67 2.14
C ARG A 13 22.13 20.07 3.52
N SER A 14 21.24 20.65 4.30
CA SER A 14 21.52 21.05 5.67
C SER A 14 22.96 21.50 5.90
N ARG A 15 23.35 22.61 5.28
CA ARG A 15 24.70 23.15 5.44
C ARG A 15 24.72 24.61 5.88
N SER A 16 23.61 25.08 6.45
CA SER A 16 23.54 26.46 6.96
C SER A 16 23.63 27.64 5.97
N PHE A 17 23.53 27.39 4.67
CA PHE A 17 23.59 28.47 3.68
C PHE A 17 22.47 29.49 3.90
N THR A 18 22.83 30.78 3.81
CA THR A 18 21.86 31.88 3.97
C THR A 18 21.57 32.45 2.60
N SER A 19 22.17 31.84 1.59
CA SER A 19 22.01 32.24 0.20
C SER A 19 22.63 31.18 -0.69
N ILE A 20 22.08 31.04 -1.90
CA ILE A 20 22.60 30.07 -2.86
C ILE A 20 24.12 30.20 -2.97
N PRO A 21 24.85 29.07 -2.93
CA PRO A 21 26.31 29.17 -3.06
C PRO A 21 26.73 29.77 -4.40
N SER A 22 27.82 30.51 -4.40
CA SER A 22 28.29 31.15 -5.63
C SER A 22 29.20 30.26 -6.46
N GLY A 23 29.33 30.59 -7.74
CA GLY A 23 30.18 29.79 -8.60
C GLY A 23 29.70 28.38 -8.80
N LEU A 24 28.47 28.23 -9.30
CA LEU A 24 27.92 26.92 -9.58
C LEU A 24 28.39 26.65 -11.00
N THR A 25 28.24 25.42 -11.49
CA THR A 25 28.69 25.11 -12.84
C THR A 25 27.65 24.42 -13.71
N ALA A 26 28.02 24.23 -14.97
CA ALA A 26 27.15 23.56 -15.94
C ALA A 26 27.48 22.08 -15.93
N ALA A 27 28.26 21.66 -14.93
CA ALA A 27 28.65 20.27 -14.78
C ALA A 27 27.67 19.60 -13.84
N MET A 28 26.97 20.42 -13.06
CA MET A 28 26.00 19.93 -12.09
C MET A 28 24.73 19.47 -12.79
N LYS A 29 24.23 18.31 -12.37
CA LYS A 29 23.02 17.73 -12.93
C LYS A 29 21.94 17.75 -11.86
N SER A 30 22.36 17.56 -10.61
CA SER A 30 21.43 17.56 -9.48
C SER A 30 21.99 18.41 -8.35
N LEU A 31 21.18 19.34 -7.85
CA LEU A 31 21.62 20.23 -6.80
C LEU A 31 20.63 20.17 -5.65
N ASP A 32 21.07 19.65 -4.52
CA ASP A 32 20.20 19.55 -3.36
C ASP A 32 20.61 20.54 -2.27
N LEU A 33 19.75 21.55 -2.07
CA LEU A 33 19.96 22.58 -1.07
C LEU A 33 18.77 22.62 -0.11
N SER A 34 18.40 21.44 0.39
CA SER A 34 17.29 21.35 1.33
C SER A 34 17.73 21.76 2.72
N PHE A 35 16.75 22.11 3.54
CA PHE A 35 16.99 22.50 4.92
C PHE A 35 18.08 23.52 5.17
N ASN A 36 18.02 24.65 4.47
CA ASN A 36 18.98 25.73 4.65
C ASN A 36 18.25 26.99 5.05
N LYS A 37 18.99 28.08 5.29
CA LYS A 37 18.35 29.33 5.66
C LYS A 37 18.42 30.32 4.49
N ILE A 38 18.01 29.85 3.31
CA ILE A 38 18.05 30.67 2.11
C ILE A 38 16.77 31.48 1.97
N THR A 39 16.79 32.69 2.54
CA THR A 39 15.63 33.56 2.50
C THR A 39 15.34 34.15 1.13
N TYR A 40 16.39 34.59 0.44
CA TYR A 40 16.24 35.24 -0.86
C TYR A 40 17.04 34.55 -1.95
N ILE A 41 16.48 34.53 -3.17
CA ILE A 41 17.13 33.93 -4.34
C ILE A 41 17.07 34.99 -5.43
N GLY A 42 18.23 35.47 -5.84
CA GLY A 42 18.30 36.52 -6.84
C GLY A 42 18.25 36.12 -8.29
N HIS A 43 18.50 37.09 -9.17
CA HIS A 43 18.48 36.88 -10.61
C HIS A 43 19.63 36.01 -11.08
N GLY A 44 20.79 36.15 -10.45
CA GLY A 44 21.94 35.39 -10.90
C GLY A 44 22.43 34.24 -10.04
N ASP A 45 21.71 33.87 -8.98
CA ASP A 45 22.16 32.78 -8.14
C ASP A 45 22.29 31.42 -8.84
N LEU A 46 21.40 31.15 -9.79
CA LEU A 46 21.43 29.87 -10.51
C LEU A 46 21.58 30.00 -12.02
N ARG A 47 22.13 31.12 -12.46
CA ARG A 47 22.28 31.39 -13.89
C ARG A 47 23.28 30.48 -14.62
N ALA A 48 24.28 29.97 -13.91
CA ALA A 48 25.29 29.12 -14.54
C ALA A 48 24.87 27.70 -14.91
N CYS A 49 24.36 26.94 -13.94
CA CYS A 49 23.96 25.55 -14.17
C CYS A 49 22.85 25.35 -15.19
N ALA A 50 23.20 25.45 -16.46
CA ALA A 50 22.22 25.30 -17.54
C ALA A 50 21.89 23.85 -17.89
N ASN A 51 22.53 22.91 -17.22
CA ASN A 51 22.29 21.49 -17.48
C ASN A 51 21.71 20.77 -16.26
N LEU A 52 21.26 21.56 -15.29
CA LEU A 52 20.68 21.06 -14.06
C LEU A 52 19.36 20.37 -14.37
N GLN A 53 19.20 19.13 -13.90
CA GLN A 53 17.98 18.38 -14.16
C GLN A 53 17.15 18.24 -12.88
N VAL A 54 17.80 18.42 -11.75
CA VAL A 54 17.16 18.29 -10.46
C VAL A 54 17.58 19.40 -9.51
N LEU A 55 16.59 20.12 -8.97
CA LEU A 55 16.83 21.18 -8.03
C LEU A 55 15.98 20.89 -6.79
N ILE A 56 16.64 20.63 -5.67
CA ILE A 56 15.92 20.35 -4.45
C ILE A 56 16.03 21.49 -3.46
N LEU A 57 14.95 22.27 -3.31
CA LEU A 57 14.94 23.39 -2.39
C LEU A 57 13.94 23.24 -1.23
N LYS A 58 13.60 22.00 -0.92
CA LYS A 58 12.65 21.71 0.14
C LYS A 58 13.04 22.24 1.51
N SER A 59 12.04 22.56 2.30
CA SER A 59 12.23 23.02 3.67
C SER A 59 13.41 23.94 3.95
N SER A 60 13.55 24.98 3.15
CA SER A 60 14.58 25.99 3.40
C SER A 60 13.67 27.15 3.72
N ARG A 61 14.17 28.26 4.23
CA ARG A 61 13.24 29.33 4.56
C ARG A 61 13.08 30.37 3.48
N ILE A 62 12.82 29.91 2.27
CA ILE A 62 12.65 30.80 1.12
C ILE A 62 11.32 31.55 1.13
N ASN A 63 11.38 32.87 0.99
CA ASN A 63 10.17 33.66 0.96
C ASN A 63 10.23 34.69 -0.17
N THR A 64 11.35 34.71 -0.88
CA THR A 64 11.50 35.65 -1.97
C THR A 64 12.31 35.06 -3.11
N ILE A 65 11.71 35.02 -4.29
CA ILE A 65 12.37 34.49 -5.47
C ILE A 65 12.09 35.40 -6.66
N GLU A 66 13.13 36.00 -7.23
CA GLU A 66 12.96 36.89 -8.39
C GLU A 66 12.32 36.17 -9.57
N GLY A 67 11.38 36.85 -10.22
CA GLY A 67 10.68 36.29 -11.36
C GLY A 67 11.48 35.46 -12.35
N ASP A 68 12.67 35.91 -12.69
CA ASP A 68 13.47 35.16 -13.65
C ASP A 68 14.65 34.44 -13.00
N ALA A 69 14.46 34.02 -11.75
CA ALA A 69 15.51 33.31 -11.04
C ALA A 69 15.90 32.02 -11.77
N PHE A 70 14.92 31.38 -12.41
CA PHE A 70 15.14 30.13 -13.14
C PHE A 70 15.14 30.32 -14.67
N TYR A 71 15.70 31.43 -15.17
CA TYR A 71 15.67 31.67 -16.62
C TYR A 71 16.51 30.74 -17.51
N SER A 72 17.63 30.26 -16.98
CA SER A 72 18.51 29.37 -17.73
C SER A 72 18.36 27.86 -17.44
N LEU A 73 17.43 27.50 -16.57
CA LEU A 73 17.22 26.10 -16.22
C LEU A 73 16.26 25.43 -17.19
N GLY A 74 16.65 25.41 -18.46
CA GLY A 74 15.80 24.81 -19.47
C GLY A 74 15.84 23.29 -19.49
N SER A 75 16.74 22.69 -18.74
CA SER A 75 16.82 21.23 -18.72
C SER A 75 16.34 20.68 -17.38
N LEU A 76 15.81 21.55 -16.54
CA LEU A 76 15.32 21.14 -15.23
C LEU A 76 14.08 20.27 -15.34
N GLU A 77 14.14 19.08 -14.75
CA GLU A 77 13.02 18.13 -14.77
C GLU A 77 12.34 18.01 -13.40
N HIS A 78 13.08 18.34 -12.35
CA HIS A 78 12.59 18.20 -10.99
C HIS A 78 12.86 19.41 -10.09
N LEU A 79 11.79 20.11 -9.74
CA LEU A 79 11.89 21.27 -8.85
C LEU A 79 11.08 21.02 -7.59
N ASP A 80 11.75 21.12 -6.43
CA ASP A 80 11.09 20.91 -5.14
C ASP A 80 11.20 22.15 -4.25
N LEU A 81 10.07 22.83 -4.06
CA LEU A 81 10.00 24.04 -3.27
C LEU A 81 9.09 23.88 -2.05
N SER A 82 8.66 22.66 -1.79
CA SER A 82 7.78 22.39 -0.66
C SER A 82 8.31 22.87 0.67
N ASP A 83 7.37 23.14 1.58
CA ASP A 83 7.70 23.57 2.93
C ASP A 83 8.62 24.78 3.05
N ASN A 84 8.32 25.84 2.32
CA ASN A 84 9.11 27.07 2.41
C ASN A 84 8.19 28.19 2.86
N HIS A 85 8.63 29.44 2.71
CA HIS A 85 7.81 30.60 3.12
C HIS A 85 7.26 31.43 1.97
N LEU A 86 6.86 30.75 0.91
CA LEU A 86 6.29 31.39 -0.27
C LEU A 86 4.81 31.67 -0.02
N SER A 87 4.43 32.95 0.02
CA SER A 87 3.03 33.30 0.24
C SER A 87 2.49 33.98 -1.01
N SER A 88 3.22 33.80 -2.09
CA SER A 88 2.85 34.39 -3.36
C SER A 88 3.70 33.70 -4.41
N LEU A 89 3.03 33.12 -5.39
CA LEU A 89 3.70 32.42 -6.47
C LEU A 89 3.70 33.34 -7.68
N SER A 90 4.77 33.28 -8.47
CA SER A 90 4.88 34.12 -9.65
C SER A 90 4.92 33.27 -10.90
N SER A 91 4.08 33.60 -11.88
CA SER A 91 4.03 32.84 -13.13
C SER A 91 5.35 32.91 -13.91
N SER A 92 6.14 33.95 -13.65
CA SER A 92 7.43 34.14 -14.32
C SER A 92 8.47 33.09 -13.97
N TRP A 93 8.29 32.42 -12.83
CA TRP A 93 9.23 31.41 -12.39
C TRP A 93 9.24 30.18 -13.29
N PHE A 94 8.03 29.67 -13.54
CA PHE A 94 7.87 28.46 -14.34
C PHE A 94 7.88 28.69 -15.83
N GLY A 95 7.95 29.95 -16.24
CA GLY A 95 7.96 30.28 -17.66
C GLY A 95 9.03 29.60 -18.48
N PRO A 96 10.29 29.62 -18.03
CA PRO A 96 11.40 29.00 -18.78
C PRO A 96 11.69 27.53 -18.50
N LEU A 97 10.73 26.82 -17.89
CA LEU A 97 10.97 25.41 -17.57
C LEU A 97 10.14 24.44 -18.39
N SER A 98 10.30 24.47 -19.71
CA SER A 98 9.54 23.56 -20.58
C SER A 98 9.98 22.11 -20.39
N SER A 99 11.07 21.88 -19.66
CA SER A 99 11.53 20.52 -19.42
C SER A 99 11.16 20.06 -18.02
N LEU A 100 10.21 20.72 -17.40
CA LEU A 100 9.83 20.36 -16.05
C LEU A 100 8.86 19.18 -15.97
N LYS A 101 9.27 18.13 -15.26
CA LYS A 101 8.44 16.93 -15.11
C LYS A 101 7.79 16.75 -13.73
N TYR A 102 8.41 17.30 -12.69
CA TYR A 102 7.91 17.18 -11.33
C TYR A 102 7.92 18.54 -10.66
N LEU A 103 6.76 19.01 -10.18
CA LEU A 103 6.71 20.31 -9.51
C LEU A 103 5.99 20.24 -8.16
N ASN A 104 6.75 20.39 -7.08
CA ASN A 104 6.17 20.36 -5.73
C ASN A 104 6.16 21.74 -5.09
N LEU A 105 4.97 22.31 -4.96
CA LEU A 105 4.80 23.64 -4.38
C LEU A 105 4.04 23.57 -3.05
N MET A 106 3.69 22.36 -2.63
CA MET A 106 2.95 22.11 -1.39
C MET A 106 3.67 22.67 -0.17
N GLY A 107 2.97 22.85 0.93
CA GLY A 107 3.62 23.37 2.13
C GLY A 107 3.94 24.84 2.26
N ASN A 108 3.69 25.66 1.24
CA ASN A 108 3.96 27.09 1.36
C ASN A 108 2.64 27.79 1.72
N PRO A 109 2.71 28.85 2.54
CA PRO A 109 1.51 29.58 2.97
C PRO A 109 0.74 30.45 1.99
N TYR A 110 0.71 30.12 0.71
CA TYR A 110 -0.05 30.95 -0.22
C TYR A 110 -1.53 30.75 0.00
N GLN A 111 -2.32 31.73 -0.38
CA GLN A 111 -3.77 31.67 -0.22
C GLN A 111 -4.43 31.14 -1.48
N THR A 112 -3.79 31.38 -2.62
CA THR A 112 -4.28 30.91 -3.92
C THR A 112 -3.05 30.77 -4.79
N LEU A 113 -3.22 30.22 -5.99
CA LEU A 113 -2.10 30.05 -6.92
C LEU A 113 -1.76 31.38 -7.59
N GLY A 114 -2.52 32.43 -7.29
CA GLY A 114 -2.26 33.72 -7.88
C GLY A 114 -3.22 34.11 -8.97
N VAL A 115 -3.01 35.30 -9.52
CA VAL A 115 -3.85 35.85 -10.58
C VAL A 115 -3.49 35.41 -12.02
N THR A 116 -2.31 34.82 -12.22
CA THR A 116 -1.89 34.39 -13.57
C THR A 116 -1.64 32.88 -13.61
N SER A 117 -2.13 32.22 -14.65
CA SER A 117 -1.94 30.77 -14.81
C SER A 117 -0.46 30.40 -14.72
N LEU A 118 -0.07 29.70 -13.67
CA LEU A 118 1.33 29.34 -13.45
C LEU A 118 1.94 28.21 -14.27
N PHE A 119 1.13 27.36 -14.89
CA PHE A 119 1.68 26.20 -15.62
C PHE A 119 1.46 26.04 -17.13
N PRO A 120 1.02 27.08 -17.83
CA PRO A 120 0.83 26.85 -19.26
C PRO A 120 2.10 26.36 -19.99
N ASN A 121 3.24 26.90 -19.61
CA ASN A 121 4.51 26.55 -20.23
C ASN A 121 4.99 25.12 -19.93
N LEU A 122 4.58 24.54 -18.81
CA LEU A 122 5.02 23.19 -18.46
C LEU A 122 4.26 22.13 -19.25
N THR A 123 4.74 21.82 -20.45
CA THR A 123 4.10 20.86 -21.36
C THR A 123 4.46 19.40 -21.12
N ASN A 124 5.52 19.14 -20.35
CA ASN A 124 5.94 17.79 -20.06
C ASN A 124 5.73 17.44 -18.59
N LEU A 125 4.97 18.28 -17.89
CA LEU A 125 4.71 18.07 -16.49
C LEU A 125 3.96 16.76 -16.26
N GLN A 126 4.44 15.96 -15.31
CA GLN A 126 3.82 14.68 -15.00
C GLN A 126 3.27 14.64 -13.59
N THR A 127 3.96 15.32 -12.67
CA THR A 127 3.57 15.38 -11.26
C THR A 127 3.55 16.82 -10.72
N LEU A 128 2.49 17.15 -9.99
CA LEU A 128 2.33 18.48 -9.39
C LEU A 128 1.62 18.40 -8.05
N ARG A 129 2.19 19.06 -7.04
CA ARG A 129 1.58 19.06 -5.71
C ARG A 129 1.42 20.52 -5.25
N ILE A 130 0.25 20.87 -4.76
CA ILE A 130 0.00 22.24 -4.32
C ILE A 130 -0.88 22.33 -3.08
N GLY A 131 -0.89 23.50 -2.46
CA GLY A 131 -1.72 23.72 -1.28
C GLY A 131 -1.04 23.59 0.07
N ASN A 132 -1.83 23.70 1.12
CA ASN A 132 -1.35 23.61 2.49
C ASN A 132 -2.54 23.34 3.42
N VAL A 133 -2.30 23.36 4.73
CA VAL A 133 -3.34 23.07 5.70
C VAL A 133 -4.17 24.24 6.21
N GLU A 134 -3.48 25.31 6.57
CA GLU A 134 -4.13 26.46 7.15
C GLU A 134 -4.62 27.56 6.24
N THR A 135 -3.96 27.79 5.11
CA THR A 135 -4.36 28.91 4.29
C THR A 135 -4.83 28.75 2.84
N PHE A 136 -4.37 27.75 2.11
CA PHE A 136 -4.83 27.63 0.75
C PHE A 136 -6.37 27.63 0.76
N SER A 137 -7.00 28.67 0.21
CA SER A 137 -8.47 28.73 0.25
C SER A 137 -9.26 28.89 -1.05
N GLU A 138 -8.62 28.85 -2.20
CA GLU A 138 -9.40 28.98 -3.42
C GLU A 138 -8.77 28.42 -4.70
N ILE A 139 -9.55 27.58 -5.39
CA ILE A 139 -9.14 26.99 -6.65
C ILE A 139 -9.96 27.74 -7.69
N ARG A 140 -9.32 28.15 -8.78
CA ARG A 140 -10.02 28.90 -9.82
C ARG A 140 -9.87 28.33 -11.22
N ARG A 141 -10.72 28.78 -12.14
CA ARG A 141 -10.71 28.30 -13.51
C ARG A 141 -9.42 28.50 -14.28
N ILE A 142 -8.59 29.45 -13.88
CA ILE A 142 -7.34 29.70 -14.61
C ILE A 142 -6.17 28.93 -14.04
N ASP A 143 -6.39 28.32 -12.88
CA ASP A 143 -5.32 27.61 -12.20
C ASP A 143 -4.55 26.54 -12.97
N PHE A 144 -5.27 25.67 -13.66
CA PHE A 144 -4.65 24.57 -14.40
C PHE A 144 -4.69 24.72 -15.90
N ALA A 145 -4.77 25.95 -16.37
CA ALA A 145 -4.80 26.22 -17.81
C ALA A 145 -3.49 25.78 -18.42
N GLY A 146 -3.57 24.97 -19.47
CA GLY A 146 -2.34 24.52 -20.10
C GLY A 146 -1.87 23.14 -19.65
N LEU A 147 -2.62 22.50 -18.76
CA LEU A 147 -2.26 21.18 -18.28
C LEU A 147 -3.16 20.14 -18.95
N THR A 148 -2.55 19.25 -19.74
CA THR A 148 -3.32 18.21 -20.44
C THR A 148 -3.29 16.85 -19.73
N SER A 149 -2.10 16.39 -19.35
CA SER A 149 -1.99 15.10 -18.70
C SER A 149 -0.97 15.07 -17.58
N LEU A 150 -1.43 14.65 -16.41
CA LEU A 150 -0.58 14.54 -15.24
C LEU A 150 -0.71 13.14 -14.66
N ASN A 151 0.41 12.48 -14.38
CA ASN A 151 0.33 11.15 -13.80
C ASN A 151 -0.19 11.33 -12.38
N GLU A 152 0.09 12.47 -11.78
CA GLU A 152 -0.35 12.73 -10.42
C GLU A 152 -0.44 14.23 -10.10
N LEU A 153 -1.55 14.59 -9.46
CA LEU A 153 -1.79 15.96 -9.05
C LEU A 153 -2.38 15.92 -7.64
N GLU A 154 -1.63 16.48 -6.69
CA GLU A 154 -2.10 16.52 -5.30
C GLU A 154 -2.51 17.95 -5.02
N ILE A 155 -3.71 18.11 -4.47
CA ILE A 155 -4.20 19.42 -4.11
C ILE A 155 -4.55 19.34 -2.63
N LYS A 156 -3.88 20.13 -1.79
CA LYS A 156 -4.20 20.09 -0.36
C LYS A 156 -4.94 21.37 -0.01
N ALA A 157 -6.25 21.25 0.17
CA ALA A 157 -7.08 22.40 0.48
C ALA A 157 -8.00 22.10 1.66
N LEU A 158 -7.41 21.82 2.81
CA LEU A 158 -8.20 21.50 3.99
C LEU A 158 -8.94 22.73 4.52
N SER A 159 -8.60 23.90 4.01
CA SER A 159 -9.21 25.16 4.43
C SER A 159 -9.94 25.85 3.30
N LEU A 160 -10.15 25.13 2.21
CA LEU A 160 -10.84 25.63 1.02
C LEU A 160 -12.15 26.35 1.34
N ARG A 161 -12.32 27.57 0.83
CA ARG A 161 -13.54 28.33 1.06
C ARG A 161 -14.37 28.44 -0.21
N ASN A 162 -13.76 28.30 -1.38
CA ASN A 162 -14.49 28.40 -2.64
C ASN A 162 -13.80 27.72 -3.81
N TYR A 163 -14.56 26.99 -4.60
CA TYR A 163 -14.04 26.29 -5.78
C TYR A 163 -14.88 26.70 -6.99
N GLN A 164 -14.23 27.30 -7.99
CA GLN A 164 -14.94 27.71 -9.18
C GLN A 164 -15.22 26.47 -9.99
N SER A 165 -16.46 26.30 -10.43
CA SER A 165 -16.84 25.16 -11.22
C SER A 165 -16.02 25.09 -12.48
N GLN A 166 -15.79 23.87 -12.96
CA GLN A 166 -15.02 23.64 -14.18
C GLN A 166 -13.53 23.92 -14.04
N SER A 167 -13.05 24.22 -12.83
CA SER A 167 -11.63 24.50 -12.66
C SER A 167 -10.72 23.35 -13.11
N LEU A 168 -11.09 22.13 -12.78
CA LEU A 168 -10.29 20.96 -13.16
C LEU A 168 -10.68 20.38 -14.52
N LYS A 169 -11.77 20.86 -15.10
CA LYS A 169 -12.26 20.32 -16.37
C LYS A 169 -11.35 20.45 -17.58
N SER A 170 -10.40 21.38 -17.53
CA SER A 170 -9.50 21.57 -18.67
C SER A 170 -8.51 20.40 -18.78
N ILE A 171 -8.09 19.86 -17.64
CA ILE A 171 -7.15 18.74 -17.65
C ILE A 171 -7.78 17.52 -18.30
N ARG A 172 -7.04 16.94 -19.24
CA ARG A 172 -7.49 15.78 -20.01
C ARG A 172 -7.30 14.41 -19.35
N ASP A 173 -6.13 14.20 -18.74
CA ASP A 173 -5.85 12.91 -18.11
C ASP A 173 -5.03 12.94 -16.81
N ILE A 174 -5.70 12.69 -15.69
CA ILE A 174 -5.04 12.65 -14.38
C ILE A 174 -5.10 11.21 -13.87
N HIS A 175 -3.94 10.56 -13.81
CA HIS A 175 -3.89 9.18 -13.35
C HIS A 175 -4.22 9.01 -11.88
N HIS A 176 -3.66 9.88 -11.05
CA HIS A 176 -3.89 9.83 -9.62
C HIS A 176 -4.11 11.24 -9.06
N LEU A 177 -5.33 11.49 -8.61
CA LEU A 177 -5.71 12.79 -8.04
C LEU A 177 -5.90 12.68 -6.53
N THR A 178 -5.03 13.31 -5.77
CA THR A 178 -5.15 13.26 -4.31
C THR A 178 -5.67 14.61 -3.79
N LEU A 179 -6.85 14.59 -3.18
CA LEU A 179 -7.42 15.82 -2.64
C LEU A 179 -7.58 15.75 -1.12
N HIS A 180 -7.12 16.78 -0.43
CA HIS A 180 -7.26 16.82 1.01
C HIS A 180 -8.35 17.86 1.25
N LEU A 181 -9.53 17.42 1.65
CA LEU A 181 -10.64 18.35 1.92
C LEU A 181 -11.11 18.09 3.33
N SER A 182 -11.46 19.14 4.07
CA SER A 182 -11.91 18.96 5.44
C SER A 182 -13.41 18.68 5.52
N GLU A 183 -14.15 19.15 4.51
CA GLU A 183 -15.60 18.94 4.46
C GLU A 183 -16.02 18.59 3.04
N SER A 184 -17.32 18.45 2.80
CA SER A 184 -17.83 18.04 1.49
C SER A 184 -18.55 19.11 0.66
N ALA A 185 -18.56 20.34 1.15
CA ALA A 185 -19.22 21.44 0.46
C ALA A 185 -18.97 21.56 -1.05
N PHE A 186 -17.77 21.25 -1.52
CA PHE A 186 -17.51 21.37 -2.95
C PHE A 186 -17.16 20.05 -3.61
N LEU A 187 -17.41 18.94 -2.93
CA LEU A 187 -17.07 17.65 -3.50
C LEU A 187 -17.84 17.33 -4.77
N LEU A 188 -19.13 17.63 -4.77
CA LEU A 188 -19.98 17.36 -5.93
C LEU A 188 -19.53 18.00 -7.24
N GLU A 189 -19.38 19.31 -7.25
CA GLU A 189 -18.96 19.99 -8.47
C GLU A 189 -17.55 19.54 -8.85
N ILE A 190 -16.68 19.38 -7.87
CA ILE A 190 -15.32 18.90 -8.15
C ILE A 190 -15.45 17.58 -8.90
N PHE A 191 -16.34 16.71 -8.40
CA PHE A 191 -16.57 15.41 -9.00
C PHE A 191 -17.09 15.52 -10.44
N ALA A 192 -17.80 16.60 -10.73
CA ALA A 192 -18.33 16.81 -12.07
C ALA A 192 -17.22 17.22 -13.03
N ASP A 193 -16.15 17.79 -12.49
CA ASP A 193 -15.05 18.24 -13.33
C ASP A 193 -13.94 17.21 -13.52
N ILE A 194 -14.03 16.05 -12.85
CA ILE A 194 -12.96 15.09 -13.02
C ILE A 194 -13.37 13.74 -13.62
N LEU A 195 -14.66 13.60 -13.91
CA LEU A 195 -15.23 12.38 -14.49
C LEU A 195 -14.64 11.93 -15.82
N SER A 196 -13.93 12.83 -16.49
CA SER A 196 -13.35 12.48 -17.78
C SER A 196 -11.87 12.18 -17.66
N SER A 197 -11.23 12.69 -16.61
CA SER A 197 -9.80 12.48 -16.48
C SER A 197 -9.25 11.54 -15.41
N VAL A 198 -9.71 11.73 -14.17
CA VAL A 198 -9.24 10.93 -13.04
C VAL A 198 -9.46 9.43 -13.12
N ARG A 199 -8.37 8.67 -13.01
CA ARG A 199 -8.44 7.20 -13.03
C ARG A 199 -8.52 6.74 -11.57
N TYR A 200 -7.71 7.39 -10.73
CA TYR A 200 -7.65 7.07 -9.31
C TYR A 200 -7.85 8.36 -8.51
N LEU A 201 -8.96 8.44 -7.78
CA LEU A 201 -9.26 9.60 -6.96
C LEU A 201 -9.07 9.23 -5.51
N GLU A 202 -8.23 9.97 -4.79
CA GLU A 202 -7.99 9.66 -3.40
C GLU A 202 -8.45 10.80 -2.52
N LEU A 203 -9.48 10.57 -1.71
CA LEU A 203 -9.97 11.60 -0.80
C LEU A 203 -9.39 11.44 0.60
N ARG A 204 -8.79 12.52 1.11
CA ARG A 204 -8.19 12.48 2.44
C ARG A 204 -8.77 13.46 3.45
N ASP A 205 -9.02 12.98 4.65
CA ASP A 205 -9.54 13.78 5.78
C ASP A 205 -10.88 14.48 5.62
N THR A 206 -11.72 13.97 4.73
CA THR A 206 -13.01 14.63 4.53
C THR A 206 -14.13 14.15 5.44
N ASN A 207 -14.84 15.11 6.04
CA ASN A 207 -15.99 14.81 6.88
C ASN A 207 -17.12 14.83 5.86
N LEU A 208 -17.64 13.65 5.52
CA LEU A 208 -18.71 13.56 4.51
C LEU A 208 -20.11 13.51 5.10
N ALA A 209 -20.22 13.72 6.40
CA ALA A 209 -21.53 13.68 7.06
C ALA A 209 -22.60 14.45 6.27
N ARG A 210 -22.25 15.62 5.77
CA ARG A 210 -23.21 16.44 5.03
C ARG A 210 -23.10 16.33 3.51
N PHE A 211 -22.76 15.14 3.01
CA PHE A 211 -22.68 15.00 1.57
C PHE A 211 -24.08 14.71 1.06
N GLN A 212 -24.39 15.21 -0.12
CA GLN A 212 -25.72 15.01 -0.66
C GLN A 212 -25.62 14.92 -2.17
N PHE A 213 -26.17 13.83 -2.71
CA PHE A 213 -26.13 13.63 -4.15
C PHE A 213 -27.16 14.47 -4.88
N SER A 214 -26.83 14.80 -6.13
CA SER A 214 -27.70 15.56 -7.02
C SER A 214 -27.24 15.13 -8.40
N PRO A 215 -28.15 15.10 -9.38
CA PRO A 215 -27.81 14.69 -10.74
C PRO A 215 -26.74 15.50 -11.47
N LEU A 216 -25.56 14.91 -11.65
CA LEU A 216 -24.47 15.56 -12.37
C LEU A 216 -24.91 15.79 -13.80
N PRO A 217 -25.05 17.06 -14.18
CA PRO A 217 -25.47 17.45 -15.52
C PRO A 217 -24.32 17.64 -16.52
N VAL A 218 -23.32 16.77 -16.46
CA VAL A 218 -22.21 16.87 -17.41
C VAL A 218 -22.49 15.86 -18.51
N ASP A 219 -22.17 16.25 -19.74
CA ASP A 219 -22.40 15.40 -20.90
C ASP A 219 -21.87 13.98 -20.74
N GLU A 220 -22.50 13.05 -21.43
CA GLU A 220 -22.16 11.62 -21.38
C GLU A 220 -20.65 11.41 -21.36
N VAL A 221 -20.12 11.13 -20.17
CA VAL A 221 -18.68 10.90 -19.97
C VAL A 221 -18.39 9.48 -19.48
N SER A 222 -17.63 8.73 -20.27
CA SER A 222 -17.27 7.37 -19.90
C SER A 222 -16.09 7.48 -18.93
N SER A 223 -16.39 7.72 -17.67
CA SER A 223 -15.37 7.87 -16.63
C SER A 223 -14.33 6.76 -16.64
N PRO A 224 -13.05 7.14 -16.77
CA PRO A 224 -11.97 6.16 -16.78
C PRO A 224 -11.52 5.83 -15.36
N MET A 225 -12.32 6.27 -14.38
CA MET A 225 -12.00 6.05 -12.99
C MET A 225 -12.09 4.58 -12.57
N LYS A 226 -10.93 4.00 -12.29
CA LYS A 226 -10.84 2.61 -11.88
C LYS A 226 -10.77 2.45 -10.37
N LYS A 227 -10.16 3.42 -9.68
CA LYS A 227 -10.01 3.36 -8.24
C LYS A 227 -10.43 4.63 -7.49
N LEU A 228 -11.09 4.41 -6.36
CA LEU A 228 -11.57 5.47 -5.49
C LEU A 228 -11.16 5.11 -4.07
N ALA A 229 -10.54 6.05 -3.36
CA ALA A 229 -10.11 5.75 -2.01
C ALA A 229 -10.42 6.87 -1.03
N PHE A 230 -10.90 6.50 0.15
CA PHE A 230 -11.19 7.47 1.20
C PHE A 230 -10.25 7.19 2.36
N ARG A 231 -9.71 8.24 2.97
CA ARG A 231 -8.80 8.06 4.09
C ARG A 231 -9.17 9.04 5.20
N GLY A 232 -9.28 8.56 6.43
CA GLY A 232 -9.62 9.43 7.54
C GLY A 232 -10.88 10.22 7.30
N SER A 233 -11.91 9.55 6.80
CA SER A 233 -13.16 10.21 6.50
C SER A 233 -14.26 9.94 7.51
N VAL A 234 -15.15 10.91 7.68
CA VAL A 234 -16.30 10.75 8.55
C VAL A 234 -17.45 10.54 7.57
N LEU A 235 -18.22 9.47 7.80
CA LEU A 235 -19.38 9.09 6.98
C LEU A 235 -20.61 8.90 7.89
N THR A 236 -21.80 8.79 7.29
CA THR A 236 -23.04 8.52 8.05
C THR A 236 -23.82 7.50 7.25
N ASP A 237 -24.79 6.82 7.87
CA ASP A 237 -25.56 5.84 7.11
C ASP A 237 -26.21 6.56 5.93
N GLU A 238 -26.61 7.81 6.16
CA GLU A 238 -27.24 8.62 5.13
C GLU A 238 -26.26 9.05 4.03
N SER A 239 -25.19 9.74 4.41
CA SER A 239 -24.21 10.20 3.43
C SER A 239 -23.58 9.05 2.65
N PHE A 240 -23.51 7.87 3.27
CA PHE A 240 -22.92 6.72 2.60
C PHE A 240 -23.78 6.34 1.42
N ASN A 241 -25.10 6.29 1.66
CA ASN A 241 -26.05 5.96 0.63
C ASN A 241 -25.96 7.01 -0.48
N GLU A 242 -25.71 8.25 -0.09
CA GLU A 242 -25.56 9.34 -1.04
C GLU A 242 -24.40 9.06 -1.98
N LEU A 243 -23.26 8.64 -1.43
CA LEU A 243 -22.09 8.34 -2.25
C LEU A 243 -22.38 7.25 -3.28
N LEU A 244 -22.97 6.16 -2.82
CA LEU A 244 -23.30 5.03 -3.69
C LEU A 244 -23.96 5.44 -5.02
N LYS A 245 -24.83 6.44 -4.96
CA LYS A 245 -25.53 6.91 -6.16
C LYS A 245 -24.57 7.44 -7.21
N LEU A 246 -23.41 7.91 -6.75
CA LEU A 246 -22.39 8.45 -7.64
C LEU A 246 -21.84 7.44 -8.64
N LEU A 247 -21.90 6.15 -8.31
CA LEU A 247 -21.36 5.11 -9.17
C LEU A 247 -21.91 5.09 -10.59
N ARG A 248 -23.15 5.51 -10.76
CA ARG A 248 -23.75 5.51 -12.09
C ARG A 248 -22.92 6.26 -13.13
N TYR A 249 -22.07 7.17 -12.68
CA TYR A 249 -21.23 7.96 -13.60
C TYR A 249 -19.83 7.36 -13.77
N ILE A 250 -19.44 6.49 -12.85
CA ILE A 250 -18.13 5.86 -12.92
C ILE A 250 -18.33 4.36 -13.16
N LEU A 251 -19.09 4.07 -14.20
CA LEU A 251 -19.42 2.71 -14.61
C LEU A 251 -18.22 1.75 -14.61
N GLU A 252 -17.01 2.27 -14.73
CA GLU A 252 -15.82 1.42 -14.77
C GLU A 252 -15.10 1.19 -13.44
N LEU A 253 -15.61 1.79 -12.36
CA LEU A 253 -14.99 1.66 -11.03
C LEU A 253 -14.80 0.21 -10.64
N SER A 254 -13.55 -0.16 -10.35
CA SER A 254 -13.25 -1.54 -9.99
C SER A 254 -12.68 -1.74 -8.59
N GLU A 255 -12.14 -0.68 -8.02
CA GLU A 255 -11.56 -0.78 -6.69
C GLU A 255 -11.92 0.38 -5.77
N VAL A 256 -12.37 0.04 -4.57
CA VAL A 256 -12.74 1.03 -3.56
C VAL A 256 -12.05 0.75 -2.23
N GLU A 257 -11.48 1.78 -1.62
CA GLU A 257 -10.82 1.61 -0.33
C GLU A 257 -11.36 2.61 0.70
N PHE A 258 -11.41 2.18 1.94
CA PHE A 258 -11.86 3.01 3.06
C PHE A 258 -10.83 2.80 4.16
N ASP A 259 -9.98 3.80 4.37
CA ASP A 259 -8.93 3.75 5.39
C ASP A 259 -9.22 4.69 6.56
N ASP A 260 -9.17 4.17 7.78
CA ASP A 260 -9.41 4.95 8.99
C ASP A 260 -10.63 5.83 8.96
N CYS A 261 -11.73 5.34 8.43
CA CYS A 261 -12.94 6.15 8.37
C CYS A 261 -13.89 5.77 9.49
N THR A 262 -14.73 6.72 9.92
CA THR A 262 -15.72 6.47 10.95
C THR A 262 -17.09 6.56 10.32
N LEU A 263 -17.93 5.55 10.58
CA LEU A 263 -19.27 5.53 10.03
C LEU A 263 -20.29 5.75 11.14
N ASN A 264 -20.80 6.97 11.24
CA ASN A 264 -21.79 7.29 12.26
C ASN A 264 -23.18 6.80 11.79
N GLY A 265 -23.89 6.13 12.68
CA GLY A 265 -25.19 5.62 12.32
C GLY A 265 -26.32 5.99 13.26
N LEU A 266 -27.51 6.20 12.70
CA LEU A 266 -28.70 6.54 13.48
C LEU A 266 -29.94 5.81 12.97
N GLY A 267 -30.96 5.74 13.82
CA GLY A 267 -32.19 5.06 13.45
C GLY A 267 -33.20 5.87 12.67
N ASP A 268 -33.22 7.19 12.88
CA ASP A 268 -34.16 8.08 12.20
C ASP A 268 -34.07 7.99 10.68
N PHE A 269 -32.97 7.42 10.18
CA PHE A 269 -32.78 7.26 8.74
C PHE A 269 -33.32 5.89 8.33
N ASN A 270 -34.37 5.91 7.52
CA ASN A 270 -35.00 4.68 7.03
C ASN A 270 -35.82 4.95 5.78
N PRO A 271 -35.15 5.12 4.62
CA PRO A 271 -35.85 5.37 3.37
C PRO A 271 -36.39 4.07 2.79
N SER A 272 -37.22 4.17 1.76
CA SER A 272 -37.76 2.97 1.11
C SER A 272 -36.64 2.37 0.28
N GLU A 273 -37.00 1.55 -0.71
CA GLU A 273 -36.00 0.93 -1.58
C GLU A 273 -35.67 1.81 -2.79
N SER A 274 -36.45 2.86 -2.99
CA SER A 274 -36.23 3.78 -4.10
C SER A 274 -35.04 4.69 -3.85
N ASP A 275 -34.89 5.12 -2.59
CA ASP A 275 -33.79 6.01 -2.19
C ASP A 275 -32.45 5.27 -2.17
N VAL A 276 -32.48 4.03 -1.69
CA VAL A 276 -31.28 3.21 -1.58
C VAL A 276 -30.78 2.65 -2.92
N VAL A 277 -29.48 2.41 -3.00
CA VAL A 277 -28.86 1.86 -4.20
C VAL A 277 -28.45 0.41 -3.94
N SER A 278 -28.65 -0.45 -4.93
CA SER A 278 -28.30 -1.87 -4.81
C SER A 278 -27.55 -2.38 -6.03
N GLU A 279 -27.14 -1.44 -6.88
CA GLU A 279 -26.40 -1.75 -8.11
C GLU A 279 -24.99 -1.21 -7.93
N LEU A 280 -24.01 -2.10 -7.93
CA LEU A 280 -22.62 -1.71 -7.74
C LEU A 280 -21.71 -1.85 -8.96
N GLY A 281 -22.25 -1.56 -10.14
CA GLY A 281 -21.45 -1.64 -11.36
C GLY A 281 -20.40 -2.73 -11.40
N LYS A 282 -19.18 -2.37 -11.77
CA LYS A 282 -18.08 -3.33 -11.87
C LYS A 282 -17.14 -3.36 -10.68
N VAL A 283 -17.59 -2.87 -9.53
CA VAL A 283 -16.76 -2.87 -8.34
C VAL A 283 -16.43 -4.31 -7.97
N GLU A 284 -15.16 -4.68 -8.12
CA GLU A 284 -14.77 -6.05 -7.83
C GLU A 284 -13.84 -6.23 -6.64
N THR A 285 -13.25 -5.15 -6.15
CA THR A 285 -12.38 -5.24 -4.99
C THR A 285 -12.77 -4.20 -3.96
N VAL A 286 -13.05 -4.64 -2.73
CA VAL A 286 -13.41 -3.73 -1.63
C VAL A 286 -12.42 -3.87 -0.45
N THR A 287 -11.64 -2.83 -0.20
CA THR A 287 -10.68 -2.85 0.90
C THR A 287 -11.13 -1.89 1.99
N ILE A 288 -11.24 -2.40 3.21
CA ILE A 288 -11.65 -1.60 4.37
C ILE A 288 -10.66 -1.82 5.50
N ARG A 289 -10.15 -0.73 6.06
CA ARG A 289 -9.19 -0.85 7.16
C ARG A 289 -9.44 0.15 8.28
N ARG A 290 -9.37 -0.36 9.51
CA ARG A 290 -9.58 0.44 10.70
C ARG A 290 -10.86 1.27 10.62
N LEU A 291 -11.95 0.58 10.39
CA LEU A 291 -13.25 1.24 10.31
C LEU A 291 -13.92 1.27 11.68
N HIS A 292 -14.30 2.46 12.11
CA HIS A 292 -14.92 2.62 13.41
C HIS A 292 -16.41 2.92 13.28
N ILE A 293 -17.25 2.04 13.84
CA ILE A 293 -18.70 2.20 13.84
C ILE A 293 -19.13 2.45 15.28
N PRO A 294 -19.15 3.72 15.73
CA PRO A 294 -19.54 4.08 17.10
C PRO A 294 -20.64 3.22 17.69
N GLN A 295 -21.80 3.20 17.05
CA GLN A 295 -22.89 2.36 17.54
C GLN A 295 -23.45 1.61 16.36
N PHE A 296 -23.07 0.33 16.28
CA PHE A 296 -23.48 -0.52 15.18
C PHE A 296 -24.93 -0.97 15.11
N TYR A 297 -25.59 -1.14 16.25
CA TYR A 297 -26.97 -1.58 16.23
C TYR A 297 -27.94 -0.47 15.82
N LEU A 298 -27.43 0.74 15.65
CA LEU A 298 -28.25 1.87 15.21
C LEU A 298 -28.42 1.86 13.70
N PHE A 299 -28.37 0.65 13.13
CA PHE A 299 -28.52 0.47 11.68
C PHE A 299 -29.65 -0.51 11.43
N TYR A 300 -30.65 -0.09 10.68
CA TYR A 300 -31.79 -0.98 10.40
C TYR A 300 -31.31 -2.27 9.75
N ASP A 301 -32.18 -3.28 9.73
CA ASP A 301 -31.86 -4.58 9.15
C ASP A 301 -31.00 -4.42 7.89
N LEU A 302 -29.69 -4.64 8.05
CA LEU A 302 -28.74 -4.50 6.95
C LEU A 302 -28.87 -5.48 5.80
N SER A 303 -29.95 -5.36 5.04
CA SER A 303 -30.18 -6.22 3.88
C SER A 303 -29.80 -5.35 2.70
N THR A 304 -29.70 -4.05 2.98
CA THR A 304 -29.34 -3.04 2.01
C THR A 304 -27.97 -3.31 1.38
N VAL A 305 -27.15 -4.08 2.09
CA VAL A 305 -25.81 -4.41 1.60
C VAL A 305 -25.71 -5.78 0.92
N TYR A 306 -26.79 -6.55 0.97
CA TYR A 306 -26.81 -7.87 0.36
C TYR A 306 -26.78 -7.89 -1.18
N SER A 307 -27.41 -6.90 -1.81
CA SER A 307 -27.45 -6.85 -3.28
C SER A 307 -26.29 -6.08 -3.90
N LEU A 308 -25.47 -5.48 -3.05
CA LEU A 308 -24.34 -4.68 -3.50
C LEU A 308 -23.12 -5.55 -3.80
N LEU A 309 -22.99 -6.66 -3.09
CA LEU A 309 -21.83 -7.53 -3.22
C LEU A 309 -21.95 -8.79 -4.06
N GLU A 310 -23.05 -8.93 -4.80
CA GLU A 310 -23.25 -10.12 -5.64
C GLU A 310 -22.06 -10.37 -6.56
N LYS A 311 -21.43 -9.30 -7.01
CA LYS A 311 -20.32 -9.43 -7.93
C LYS A 311 -18.91 -9.21 -7.39
N VAL A 312 -18.78 -8.83 -6.13
CA VAL A 312 -17.46 -8.57 -5.58
C VAL A 312 -16.52 -9.79 -5.55
N LYS A 313 -15.32 -9.63 -6.09
CA LYS A 313 -14.33 -10.69 -6.14
C LYS A 313 -13.33 -10.70 -5.00
N ARG A 314 -13.01 -9.53 -4.47
CA ARG A 314 -12.06 -9.44 -3.36
C ARG A 314 -12.54 -8.47 -2.28
N ILE A 315 -12.54 -8.92 -1.04
CA ILE A 315 -12.97 -8.09 0.08
C ILE A 315 -11.99 -8.18 1.24
N THR A 316 -11.68 -7.03 1.82
CA THR A 316 -10.77 -6.98 2.94
C THR A 316 -11.33 -6.06 4.00
N VAL A 317 -11.64 -6.63 5.15
CA VAL A 317 -12.13 -5.84 6.26
C VAL A 317 -11.18 -6.19 7.39
N GLU A 318 -10.24 -5.32 7.65
CA GLU A 318 -9.26 -5.62 8.69
C GLU A 318 -9.24 -4.65 9.84
N ASN A 319 -8.90 -5.18 11.01
CA ASN A 319 -8.80 -4.39 12.22
C ASN A 319 -9.98 -3.42 12.36
N SER A 320 -11.18 -3.95 12.20
CA SER A 320 -12.40 -3.16 12.29
C SER A 320 -13.37 -3.83 13.24
N LYS A 321 -12.83 -4.70 14.09
CA LYS A 321 -13.61 -5.38 15.11
C LYS A 321 -14.76 -6.31 14.67
N VAL A 322 -14.55 -7.00 13.55
CA VAL A 322 -15.54 -7.93 13.02
C VAL A 322 -15.57 -9.16 13.92
N PHE A 323 -16.76 -9.59 14.34
CA PHE A 323 -16.86 -10.80 15.15
C PHE A 323 -17.79 -11.80 14.47
N LEU A 324 -18.45 -11.33 13.41
CA LEU A 324 -19.38 -12.17 12.69
C LEU A 324 -19.75 -11.64 11.31
N VAL A 325 -19.66 -12.50 10.31
CA VAL A 325 -20.06 -12.17 8.94
C VAL A 325 -21.24 -13.14 8.81
N PRO A 326 -22.45 -12.67 9.13
CA PRO A 326 -23.68 -13.49 9.06
C PRO A 326 -23.85 -14.36 7.82
N CYS A 327 -24.22 -15.61 8.10
CA CYS A 327 -24.40 -16.62 7.05
C CYS A 327 -25.11 -16.15 5.79
N SER A 328 -26.34 -15.69 5.92
CA SER A 328 -27.08 -15.24 4.75
C SER A 328 -26.27 -14.18 3.97
N PHE A 329 -25.51 -13.38 4.69
CA PHE A 329 -24.70 -12.36 4.06
C PHE A 329 -23.66 -13.05 3.17
N SER A 330 -23.04 -14.09 3.72
CA SER A 330 -22.01 -14.84 3.00
C SER A 330 -22.58 -15.56 1.79
N GLN A 331 -23.77 -16.10 1.91
CA GLN A 331 -24.38 -16.80 0.80
C GLN A 331 -24.63 -15.86 -0.39
N HIS A 332 -24.81 -14.57 -0.14
CA HIS A 332 -25.04 -13.61 -1.21
C HIS A 332 -23.74 -13.29 -1.98
N LEU A 333 -22.60 -13.54 -1.35
CA LEU A 333 -21.29 -13.30 -1.95
C LEU A 333 -20.91 -14.41 -2.94
N LYS A 334 -21.76 -14.56 -3.96
CA LYS A 334 -21.61 -15.56 -5.02
C LYS A 334 -20.32 -15.49 -5.82
N SER A 335 -19.72 -14.32 -5.92
CA SER A 335 -18.49 -14.20 -6.71
C SER A 335 -17.16 -14.08 -5.96
N LEU A 336 -17.23 -13.91 -4.65
CA LEU A 336 -16.04 -13.74 -3.79
C LEU A 336 -14.95 -14.82 -3.88
N GLU A 337 -13.79 -14.44 -4.40
CA GLU A 337 -12.69 -15.39 -4.51
C GLU A 337 -11.71 -15.20 -3.35
N PHE A 338 -11.60 -13.97 -2.88
CA PHE A 338 -10.68 -13.58 -1.79
C PHE A 338 -11.40 -12.86 -0.64
N LEU A 339 -11.15 -13.29 0.60
CA LEU A 339 -11.74 -12.65 1.78
C LEU A 339 -10.67 -12.54 2.85
N ASP A 340 -10.40 -11.31 3.26
CA ASP A 340 -9.36 -11.04 4.26
C ASP A 340 -9.95 -10.34 5.48
N LEU A 341 -10.14 -11.09 6.56
CA LEU A 341 -10.67 -10.51 7.80
C LEU A 341 -9.61 -10.46 8.90
N SER A 342 -8.39 -10.06 8.53
CA SER A 342 -7.29 -9.96 9.49
C SER A 342 -7.49 -8.96 10.64
N GLU A 343 -7.01 -9.35 11.81
CA GLU A 343 -7.09 -8.51 13.01
C GLU A 343 -8.48 -8.18 13.52
N ASN A 344 -9.31 -9.19 13.74
CA ASN A 344 -10.65 -8.96 14.26
C ASN A 344 -10.92 -9.85 15.47
N LEU A 345 -12.19 -10.10 15.78
CA LEU A 345 -12.52 -10.94 16.94
C LEU A 345 -13.24 -12.26 16.59
N MET A 346 -12.81 -12.92 15.51
CA MET A 346 -13.45 -14.15 15.07
C MET A 346 -13.16 -15.39 15.90
N VAL A 347 -14.19 -16.11 16.30
CA VAL A 347 -13.97 -17.33 17.06
C VAL A 347 -14.75 -18.48 16.43
N GLU A 348 -14.37 -19.70 16.78
CA GLU A 348 -15.01 -20.87 16.22
C GLU A 348 -16.53 -20.78 16.08
N GLU A 349 -17.24 -20.70 17.20
CA GLU A 349 -18.70 -20.63 17.18
C GLU A 349 -19.30 -19.64 16.19
N TYR A 350 -18.68 -18.48 16.02
CA TYR A 350 -19.23 -17.51 15.07
C TYR A 350 -18.68 -17.74 13.68
N LEU A 351 -17.53 -18.39 13.60
CA LEU A 351 -16.95 -18.68 12.30
C LEU A 351 -17.88 -19.70 11.65
N LYS A 352 -18.29 -20.69 12.44
CA LYS A 352 -19.19 -21.75 11.97
C LYS A 352 -20.34 -21.14 11.19
N ASN A 353 -20.97 -20.11 11.74
CA ASN A 353 -22.07 -19.45 11.07
C ASN A 353 -21.62 -18.68 9.84
N SER A 354 -20.52 -17.94 9.95
CA SER A 354 -20.03 -17.18 8.82
C SER A 354 -19.73 -18.06 7.62
N ALA A 355 -19.17 -19.24 7.87
CA ALA A 355 -18.85 -20.18 6.80
C ALA A 355 -19.87 -21.32 6.75
N CYS A 356 -21.14 -20.96 6.70
CA CYS A 356 -22.19 -21.95 6.64
C CYS A 356 -22.16 -22.73 5.30
N LYS A 357 -23.10 -23.63 5.11
CA LYS A 357 -23.18 -24.47 3.93
C LYS A 357 -22.84 -23.82 2.60
N GLY A 358 -23.68 -22.90 2.13
CA GLY A 358 -23.40 -22.28 0.85
C GLY A 358 -22.64 -20.97 0.97
N ALA A 359 -21.87 -20.82 2.04
CA ALA A 359 -21.12 -19.59 2.25
C ALA A 359 -20.00 -19.46 1.26
N TRP A 360 -19.76 -18.22 0.80
CA TRP A 360 -18.70 -17.93 -0.16
C TRP A 360 -18.43 -19.10 -1.11
N PRO A 361 -19.36 -19.35 -2.03
CA PRO A 361 -19.31 -20.43 -3.02
C PRO A 361 -17.99 -20.57 -3.78
N SER A 362 -17.38 -19.45 -4.16
CA SER A 362 -16.15 -19.45 -4.94
C SER A 362 -14.86 -19.09 -4.20
N LEU A 363 -14.89 -19.00 -2.87
CA LEU A 363 -13.70 -18.59 -2.13
C LEU A 363 -12.48 -19.46 -2.34
N GLN A 364 -11.39 -18.83 -2.77
CA GLN A 364 -10.14 -19.57 -3.02
C GLN A 364 -9.10 -19.27 -1.94
N THR A 365 -9.11 -18.02 -1.47
CA THR A 365 -8.17 -17.57 -0.45
C THR A 365 -8.96 -16.96 0.71
N LEU A 366 -8.67 -17.43 1.92
CA LEU A 366 -9.31 -16.92 3.12
C LEU A 366 -8.24 -16.62 4.15
N VAL A 367 -8.22 -15.36 4.58
CA VAL A 367 -7.27 -14.88 5.56
C VAL A 367 -7.96 -14.50 6.85
N LEU A 368 -7.61 -15.20 7.91
CA LEU A 368 -8.16 -14.99 9.25
C LEU A 368 -6.98 -14.83 10.17
N SER A 369 -5.98 -14.11 9.69
CA SER A 369 -4.76 -13.90 10.44
C SER A 369 -4.87 -13.60 11.92
N GLN A 370 -5.09 -12.34 12.31
CA GLN A 370 -5.11 -12.09 13.74
C GLN A 370 -6.47 -12.07 14.38
N ASN A 371 -6.93 -13.25 14.79
CA ASN A 371 -8.24 -13.34 15.41
C ASN A 371 -8.20 -14.07 16.73
N HIS A 372 -9.35 -14.61 17.15
CA HIS A 372 -9.38 -15.31 18.42
C HIS A 372 -9.69 -16.80 18.28
N LEU A 373 -9.27 -17.37 17.16
CA LEU A 373 -9.45 -18.80 16.89
C LEU A 373 -8.49 -19.57 17.79
N ARG A 374 -8.88 -20.74 18.26
CA ARG A 374 -7.99 -21.50 19.14
C ARG A 374 -7.77 -22.97 18.79
N SER A 375 -8.67 -23.55 18.02
CA SER A 375 -8.53 -24.95 17.65
C SER A 375 -8.27 -25.13 16.15
N MET A 376 -7.13 -25.71 15.83
CA MET A 376 -6.75 -25.93 14.45
C MET A 376 -7.74 -26.87 13.79
N GLN A 377 -7.94 -28.02 14.42
CA GLN A 377 -8.86 -29.04 13.94
C GLN A 377 -10.25 -28.45 13.76
N LYS A 378 -10.76 -27.82 14.81
CA LYS A 378 -12.09 -27.21 14.77
C LYS A 378 -12.24 -26.23 13.60
N THR A 379 -11.21 -25.43 13.34
CA THR A 379 -11.24 -24.46 12.26
C THR A 379 -11.21 -25.12 10.89
N GLY A 380 -10.41 -26.17 10.74
CA GLY A 380 -10.37 -26.86 9.45
C GLY A 380 -11.71 -27.54 9.21
N GLU A 381 -12.25 -28.10 10.28
CA GLU A 381 -13.52 -28.81 10.26
C GLU A 381 -14.61 -27.85 9.78
N ILE A 382 -14.71 -26.71 10.46
CA ILE A 382 -15.72 -25.73 10.09
C ILE A 382 -15.57 -25.27 8.63
N LEU A 383 -14.33 -25.11 8.18
CA LEU A 383 -14.08 -24.66 6.83
C LEU A 383 -14.30 -25.68 5.72
N LEU A 384 -14.67 -26.90 6.08
CA LEU A 384 -14.90 -27.92 5.05
C LEU A 384 -16.03 -27.49 4.14
N THR A 385 -16.89 -26.63 4.65
CA THR A 385 -18.00 -26.14 3.84
C THR A 385 -17.51 -25.40 2.59
N LEU A 386 -16.24 -25.00 2.59
CA LEU A 386 -15.63 -24.28 1.47
C LEU A 386 -14.91 -25.28 0.54
N LYS A 387 -15.49 -25.52 -0.63
CA LYS A 387 -14.95 -26.49 -1.58
C LYS A 387 -13.88 -26.02 -2.53
N ASN A 388 -13.93 -24.74 -2.91
CA ASN A 388 -12.94 -24.22 -3.84
C ASN A 388 -11.67 -23.71 -3.19
N LEU A 389 -11.66 -23.61 -1.86
CA LEU A 389 -10.51 -23.11 -1.11
C LEU A 389 -9.17 -23.75 -1.44
N THR A 390 -8.19 -22.92 -1.79
CA THR A 390 -6.82 -23.35 -2.11
C THR A 390 -5.77 -22.70 -1.18
N SER A 391 -6.12 -21.57 -0.56
CA SER A 391 -5.19 -20.91 0.34
C SER A 391 -5.85 -20.50 1.64
N LEU A 392 -5.13 -20.68 2.75
CA LEU A 392 -5.65 -20.35 4.07
C LEU A 392 -4.56 -19.77 4.95
N ASP A 393 -4.83 -18.61 5.50
CA ASP A 393 -3.89 -17.96 6.38
C ASP A 393 -4.57 -17.82 7.73
N ILE A 394 -4.01 -18.47 8.74
CA ILE A 394 -4.54 -18.42 10.10
C ILE A 394 -3.38 -18.11 11.04
N SER A 395 -2.37 -17.46 10.50
CA SER A 395 -1.21 -17.09 11.29
C SER A 395 -1.62 -16.14 12.40
N ARG A 396 -0.71 -15.90 13.34
CA ARG A 396 -0.91 -15.00 14.46
C ARG A 396 -2.13 -15.31 15.33
N ASN A 397 -2.58 -16.55 15.29
CA ASN A 397 -3.69 -16.98 16.13
C ASN A 397 -3.05 -17.92 17.14
N THR A 398 -3.49 -17.89 18.39
CA THR A 398 -2.89 -18.77 19.38
C THR A 398 -3.62 -20.13 19.45
N PHE A 399 -3.06 -21.13 18.79
CA PHE A 399 -3.69 -22.43 18.75
C PHE A 399 -3.24 -23.39 19.83
N HIS A 400 -4.02 -24.44 20.06
CA HIS A 400 -3.69 -25.48 21.03
C HIS A 400 -2.88 -26.47 20.24
N PRO A 401 -2.18 -27.40 20.90
CA PRO A 401 -1.38 -28.36 20.13
C PRO A 401 -2.23 -29.09 19.08
N MET A 402 -1.72 -29.19 17.86
CA MET A 402 -2.45 -29.84 16.78
C MET A 402 -2.46 -31.38 16.89
N PRO A 403 -3.60 -32.00 16.56
CA PRO A 403 -3.73 -33.46 16.62
C PRO A 403 -2.89 -34.20 15.58
N ASP A 404 -3.11 -35.52 15.48
CA ASP A 404 -2.40 -36.36 14.53
C ASP A 404 -3.21 -36.51 13.25
N SER A 405 -4.44 -36.02 13.28
CA SER A 405 -5.29 -36.11 12.10
C SER A 405 -6.22 -34.91 12.08
N CYS A 406 -6.46 -34.37 10.89
CA CYS A 406 -7.33 -33.22 10.73
C CYS A 406 -8.08 -33.31 9.42
N GLN A 407 -9.14 -32.54 9.30
CA GLN A 407 -9.93 -32.49 8.07
C GLN A 407 -9.77 -31.05 7.58
N TRP A 408 -9.25 -30.88 6.37
CA TRP A 408 -9.05 -29.56 5.78
C TRP A 408 -9.70 -29.53 4.41
N PRO A 409 -10.01 -28.34 3.88
CA PRO A 409 -10.62 -28.35 2.55
C PRO A 409 -9.68 -29.14 1.64
N GLU A 410 -10.24 -29.90 0.72
CA GLU A 410 -9.45 -30.76 -0.16
C GLU A 410 -8.42 -30.13 -1.10
N LYS A 411 -8.79 -29.02 -1.75
CA LYS A 411 -7.87 -28.39 -2.69
C LYS A 411 -6.87 -27.46 -2.02
N MET A 412 -6.79 -27.48 -0.70
CA MET A 412 -5.86 -26.61 0.01
C MET A 412 -4.38 -26.90 -0.29
N ARG A 413 -3.67 -25.92 -0.85
CA ARG A 413 -2.25 -26.06 -1.17
C ARG A 413 -1.37 -24.99 -0.50
N PHE A 414 -2.00 -24.12 0.30
CA PHE A 414 -1.27 -23.07 0.99
C PHE A 414 -1.89 -22.91 2.37
N LEU A 415 -1.04 -23.07 3.40
CA LEU A 415 -1.46 -22.97 4.80
C LEU A 415 -0.43 -22.17 5.56
N ASN A 416 -0.85 -21.05 6.15
CA ASN A 416 0.07 -20.19 6.90
C ASN A 416 -0.18 -20.30 8.40
N LEU A 417 0.80 -20.87 9.09
CA LEU A 417 0.74 -21.07 10.53
C LEU A 417 1.83 -20.27 11.21
N SER A 418 2.21 -19.17 10.60
CA SER A 418 3.23 -18.32 11.17
C SER A 418 2.72 -17.72 12.46
N SER A 419 3.65 -17.42 13.36
CA SER A 419 3.35 -16.81 14.65
C SER A 419 2.13 -17.38 15.35
N THR A 420 2.01 -18.71 15.43
CA THR A 420 0.86 -19.27 16.12
C THR A 420 1.20 -19.94 17.44
N GLY A 421 2.44 -19.77 17.89
CA GLY A 421 2.85 -20.36 19.16
C GLY A 421 3.05 -21.86 19.25
N ILE A 422 2.81 -22.60 18.17
CA ILE A 422 2.98 -24.05 18.20
C ILE A 422 4.41 -24.48 18.49
N ARG A 423 4.57 -25.62 19.14
CA ARG A 423 5.88 -26.13 19.52
C ARG A 423 6.22 -27.41 18.77
N VAL A 424 5.21 -28.00 18.16
CA VAL A 424 5.37 -29.24 17.42
C VAL A 424 4.50 -29.32 16.17
N VAL A 425 5.00 -29.99 15.13
CA VAL A 425 4.23 -30.12 13.90
C VAL A 425 3.86 -31.58 13.71
N LYS A 426 2.57 -31.85 13.56
CA LYS A 426 2.15 -33.22 13.37
C LYS A 426 1.51 -33.45 12.01
N THR A 427 0.98 -34.65 11.82
CA THR A 427 0.36 -35.03 10.57
C THR A 427 -0.99 -34.39 10.30
N CYS A 428 -1.36 -33.45 11.17
CA CYS A 428 -2.63 -32.73 11.01
C CYS A 428 -2.51 -31.89 9.74
N ILE A 429 -1.28 -31.56 9.37
CA ILE A 429 -0.95 -30.79 8.18
C ILE A 429 -0.95 -31.74 6.99
N PRO A 430 -1.83 -31.51 5.99
CA PRO A 430 -1.97 -32.35 4.79
C PRO A 430 -0.79 -32.49 3.84
N GLN A 431 -0.66 -33.67 3.25
CA GLN A 431 0.41 -33.97 2.32
C GLN A 431 0.16 -33.26 1.00
N THR A 432 -1.05 -32.76 0.82
CA THR A 432 -1.43 -32.06 -0.40
C THR A 432 -0.84 -30.64 -0.50
N LEU A 433 -0.29 -30.13 0.61
CA LEU A 433 0.29 -28.79 0.66
C LEU A 433 1.44 -28.50 -0.29
N GLU A 434 1.51 -27.26 -0.76
CA GLU A 434 2.56 -26.80 -1.68
C GLU A 434 3.40 -25.74 -1.02
N VAL A 435 2.76 -24.94 -0.18
CA VAL A 435 3.45 -23.88 0.54
C VAL A 435 3.08 -23.97 2.01
N LEU A 436 4.08 -23.92 2.88
CA LEU A 436 3.84 -23.99 4.32
C LEU A 436 4.74 -23.00 5.06
N ASP A 437 4.13 -22.18 5.91
CA ASP A 437 4.86 -21.19 6.68
C ASP A 437 4.63 -21.41 8.17
N VAL A 438 5.60 -22.02 8.85
CA VAL A 438 5.48 -22.22 10.28
C VAL A 438 6.60 -21.42 10.89
N SER A 439 6.89 -20.30 10.26
CA SER A 439 7.96 -19.44 10.73
C SER A 439 7.49 -18.67 11.94
N ASN A 440 8.44 -18.35 12.81
CA ASN A 440 8.19 -17.57 14.01
C ASN A 440 7.31 -18.30 15.02
N ASN A 441 7.68 -19.55 15.33
CA ASN A 441 6.93 -20.34 16.28
C ASN A 441 7.84 -20.82 17.41
N ASN A 442 7.59 -22.02 17.91
CA ASN A 442 8.39 -22.56 19.00
C ASN A 442 8.81 -23.99 18.68
N LEU A 443 9.18 -24.24 17.43
CA LEU A 443 9.55 -25.58 17.02
C LEU A 443 11.01 -25.95 17.27
N ASP A 444 11.23 -27.22 17.58
CA ASP A 444 12.58 -27.73 17.80
C ASP A 444 13.02 -28.60 16.63
N SER A 445 12.07 -29.14 15.89
CA SER A 445 12.40 -29.98 14.75
C SER A 445 11.24 -30.10 13.79
N PHE A 446 11.58 -30.44 12.54
CA PHE A 446 10.58 -30.65 11.50
C PHE A 446 10.84 -32.02 10.90
N SER A 447 9.85 -32.91 11.01
CA SER A 447 9.95 -34.28 10.51
C SER A 447 8.83 -34.69 9.57
N LEU A 448 8.00 -33.72 9.18
CA LEU A 448 6.87 -33.97 8.29
C LEU A 448 7.26 -34.17 6.82
N PHE A 449 6.92 -35.32 6.26
CA PHE A 449 7.21 -35.58 4.87
C PHE A 449 6.08 -35.04 3.98
N LEU A 450 6.39 -34.02 3.19
CA LEU A 450 5.41 -33.39 2.29
C LEU A 450 6.00 -33.47 0.87
N PRO A 451 5.63 -34.51 0.11
CA PRO A 451 6.13 -34.69 -1.26
C PRO A 451 5.85 -33.63 -2.31
N ARG A 452 4.80 -32.83 -2.13
CA ARG A 452 4.48 -31.80 -3.11
C ARG A 452 4.95 -30.40 -2.72
N LEU A 453 5.51 -30.29 -1.52
CA LEU A 453 5.98 -29.01 -0.99
C LEU A 453 7.01 -28.30 -1.87
N GLN A 454 6.70 -27.06 -2.26
CA GLN A 454 7.60 -26.28 -3.11
C GLN A 454 8.26 -25.19 -2.30
N GLU A 455 7.62 -24.78 -1.22
CA GLU A 455 8.17 -23.75 -0.36
C GLU A 455 7.83 -23.94 1.11
N LEU A 456 8.87 -23.87 1.94
CA LEU A 456 8.76 -24.01 3.40
C LEU A 456 9.43 -22.82 4.05
N TYR A 457 8.70 -22.19 4.97
CA TYR A 457 9.21 -21.03 5.70
C TYR A 457 9.23 -21.48 7.16
N ILE A 458 10.42 -21.66 7.73
CA ILE A 458 10.52 -22.11 9.10
C ILE A 458 11.45 -21.24 9.94
N SER A 459 11.71 -20.02 9.44
CA SER A 459 12.57 -19.07 10.13
C SER A 459 12.07 -18.71 11.52
N ARG A 460 12.92 -18.05 12.30
CA ARG A 460 12.57 -17.64 13.66
C ARG A 460 12.02 -18.78 14.51
N ASN A 461 12.86 -19.79 14.74
CA ASN A 461 12.50 -20.92 15.58
C ASN A 461 13.73 -21.37 16.35
N LYS A 462 13.73 -22.62 16.81
CA LYS A 462 14.86 -23.09 17.58
C LYS A 462 15.43 -24.41 17.09
N LEU A 463 15.25 -24.69 15.80
CA LEU A 463 15.76 -25.92 15.23
C LEU A 463 17.26 -26.01 15.43
N LYS A 464 17.72 -27.11 16.02
CA LYS A 464 19.14 -27.30 16.24
C LYS A 464 19.65 -28.24 15.16
N THR A 465 18.71 -28.82 14.42
CA THR A 465 19.03 -29.73 13.35
C THR A 465 18.23 -29.36 12.11
N LEU A 466 18.93 -29.20 10.99
CA LEU A 466 18.29 -28.87 9.73
C LEU A 466 17.38 -30.04 9.33
N PRO A 467 16.14 -29.77 8.91
CA PRO A 467 15.26 -30.88 8.52
C PRO A 467 15.79 -31.67 7.31
N ASP A 468 15.83 -32.99 7.45
CA ASP A 468 16.32 -33.90 6.41
C ASP A 468 15.80 -33.62 4.99
N ALA A 469 16.72 -33.44 4.06
CA ALA A 469 16.41 -33.16 2.65
C ALA A 469 15.38 -34.05 1.96
N SER A 470 15.36 -35.33 2.30
CA SER A 470 14.44 -36.27 1.67
C SER A 470 12.96 -36.00 1.95
N LEU A 471 12.69 -35.12 2.92
CA LEU A 471 11.31 -34.75 3.29
C LEU A 471 10.62 -33.92 2.22
N PHE A 472 11.38 -33.06 1.55
CA PHE A 472 10.82 -32.21 0.51
C PHE A 472 11.56 -32.48 -0.79
N PRO A 473 11.22 -33.59 -1.47
CA PRO A 473 11.87 -33.94 -2.74
C PRO A 473 11.91 -32.87 -3.83
N VAL A 474 10.85 -32.07 -3.96
CA VAL A 474 10.83 -31.04 -5.00
C VAL A 474 10.74 -29.59 -4.51
N LEU A 475 11.42 -29.30 -3.39
CA LEU A 475 11.40 -27.96 -2.80
C LEU A 475 12.10 -26.92 -3.67
N LEU A 476 11.50 -25.74 -3.79
CA LEU A 476 12.07 -24.67 -4.59
C LEU A 476 12.63 -23.59 -3.65
N VAL A 477 11.97 -23.41 -2.52
CA VAL A 477 12.38 -22.39 -1.56
C VAL A 477 12.34 -22.83 -0.11
N MET A 478 13.43 -22.57 0.61
CA MET A 478 13.49 -22.91 2.02
C MET A 478 13.98 -21.69 2.78
N LYS A 479 13.26 -21.34 3.84
CA LYS A 479 13.61 -20.20 4.68
C LYS A 479 13.84 -20.66 6.12
N ILE A 480 15.08 -20.90 6.49
CA ILE A 480 15.38 -21.36 7.84
C ILE A 480 16.37 -20.47 8.58
N SER A 481 16.16 -19.16 8.50
CA SER A 481 17.07 -18.24 9.18
C SER A 481 16.60 -18.05 10.62
N ARG A 482 17.40 -17.33 11.42
CA ARG A 482 17.06 -17.09 12.81
C ARG A 482 16.65 -18.36 13.56
N ASN A 483 17.52 -19.36 13.57
CA ASN A 483 17.26 -20.62 14.27
C ASN A 483 18.48 -20.86 15.14
N GLN A 484 18.78 -22.12 15.44
CA GLN A 484 19.94 -22.42 16.26
C GLN A 484 20.91 -23.35 15.57
N LEU A 485 20.77 -23.50 14.26
CA LEU A 485 21.62 -24.38 13.45
C LEU A 485 23.09 -24.02 13.57
N LYS A 486 23.91 -25.03 13.89
CA LYS A 486 25.34 -24.84 14.01
C LYS A 486 26.04 -25.45 12.80
N SER A 487 25.42 -26.47 12.21
CA SER A 487 26.01 -27.15 11.07
C SER A 487 25.00 -27.90 10.19
N VAL A 488 25.46 -28.34 9.01
CA VAL A 488 24.63 -29.10 8.08
C VAL A 488 25.37 -30.35 7.56
N PRO A 489 24.68 -31.51 7.52
CA PRO A 489 25.24 -32.79 7.06
C PRO A 489 25.84 -32.65 5.67
N ASP A 490 27.04 -33.19 5.47
CA ASP A 490 27.67 -33.08 4.15
C ASP A 490 26.74 -33.47 3.02
N GLY A 491 26.74 -32.65 1.97
CA GLY A 491 25.94 -32.91 0.78
C GLY A 491 24.44 -32.68 0.83
N ILE A 492 23.89 -32.26 1.96
CA ILE A 492 22.45 -32.08 2.08
C ILE A 492 21.79 -31.10 1.11
N PHE A 493 22.42 -29.99 0.79
CA PHE A 493 21.78 -29.05 -0.14
C PHE A 493 21.82 -29.54 -1.58
N ASP A 494 22.81 -30.38 -1.90
CA ASP A 494 22.90 -30.92 -3.25
C ASP A 494 21.76 -31.94 -3.40
N ARG A 495 21.11 -32.26 -2.29
CA ARG A 495 19.99 -33.21 -2.29
C ARG A 495 18.66 -32.49 -2.51
N LEU A 496 18.70 -31.17 -2.52
CA LEU A 496 17.52 -30.37 -2.77
C LEU A 496 17.69 -29.96 -4.23
N THR A 497 17.34 -30.90 -5.12
CA THR A 497 17.49 -30.74 -6.55
C THR A 497 16.59 -29.75 -7.32
N SER A 498 15.77 -28.98 -6.62
CA SER A 498 14.92 -28.00 -7.29
C SER A 498 15.08 -26.66 -6.59
N LEU A 499 15.92 -26.64 -5.54
CA LEU A 499 16.18 -25.45 -4.75
C LEU A 499 16.61 -24.26 -5.58
N GLN A 500 15.88 -23.16 -5.44
CA GLN A 500 16.15 -21.93 -6.16
C GLN A 500 16.56 -20.79 -5.23
N LYS A 501 16.05 -20.79 -4.01
CA LYS A 501 16.34 -19.73 -3.05
C LYS A 501 16.42 -20.28 -1.63
N ILE A 502 17.36 -19.80 -0.84
CA ILE A 502 17.46 -20.27 0.54
C ILE A 502 18.02 -19.23 1.51
N TRP A 503 17.31 -19.04 2.62
CA TRP A 503 17.68 -18.10 3.66
C TRP A 503 18.36 -18.88 4.78
N LEU A 504 19.61 -18.53 5.08
CA LEU A 504 20.38 -19.21 6.12
C LEU A 504 20.94 -18.28 7.21
N HIS A 505 20.90 -16.97 6.97
CA HIS A 505 21.44 -16.01 7.92
C HIS A 505 20.85 -16.09 9.32
N THR A 506 21.48 -15.36 10.24
CA THR A 506 21.09 -15.33 11.63
C THR A 506 21.06 -16.73 12.24
N ASN A 507 22.14 -17.46 12.04
CA ASN A 507 22.30 -18.79 12.61
C ASN A 507 23.75 -18.84 13.15
N PRO A 508 23.98 -19.58 14.24
CA PRO A 508 25.35 -19.67 14.80
C PRO A 508 26.19 -20.76 14.14
N TRP A 509 26.61 -20.52 12.89
CA TRP A 509 27.41 -21.50 12.17
C TRP A 509 28.82 -21.69 12.72
N ASP A 510 29.17 -22.93 13.03
CA ASP A 510 30.49 -23.29 13.55
C ASP A 510 31.48 -23.34 12.37
N CYS A 511 32.32 -22.32 12.23
CA CYS A 511 33.26 -22.29 11.11
C CYS A 511 34.62 -22.95 11.26
N SER A 512 34.83 -23.76 12.30
CA SER A 512 36.12 -24.43 12.46
C SER A 512 36.24 -25.20 11.17
N CYS A 513 37.46 -25.35 10.64
CA CYS A 513 37.58 -25.99 9.35
C CYS A 513 37.30 -27.45 9.10
N PRO A 514 37.38 -28.30 10.11
CA PRO A 514 37.04 -29.61 9.56
C PRO A 514 35.56 -29.55 9.12
N ARG A 515 34.71 -29.08 10.02
CA ARG A 515 33.26 -28.98 9.82
C ARG A 515 32.74 -28.14 8.65
N ILE A 516 32.85 -26.83 8.79
CA ILE A 516 32.33 -25.90 7.80
C ILE A 516 32.79 -26.06 6.36
N ASP A 517 33.52 -27.12 6.03
CA ASP A 517 33.98 -27.26 4.64
C ASP A 517 32.86 -27.30 3.59
N TYR A 518 32.09 -28.39 3.59
CA TYR A 518 31.01 -28.53 2.63
C TYR A 518 30.08 -27.31 2.58
N LEU A 519 29.55 -26.89 3.72
CA LEU A 519 28.66 -25.73 3.71
C LEU A 519 29.29 -24.50 3.03
N SER A 520 30.56 -24.22 3.30
CA SER A 520 31.22 -23.05 2.69
C SER A 520 31.46 -23.28 1.20
N ARG A 521 31.88 -24.49 0.85
CA ARG A 521 32.11 -24.80 -0.55
C ARG A 521 30.79 -24.73 -1.32
N TRP A 522 29.69 -25.00 -0.63
CA TRP A 522 28.38 -24.97 -1.27
C TRP A 522 27.85 -23.56 -1.52
N LEU A 523 28.10 -22.66 -0.57
CA LEU A 523 27.64 -21.28 -0.68
C LEU A 523 28.41 -20.57 -1.79
N ASN A 524 29.59 -21.08 -2.11
CA ASN A 524 30.40 -20.49 -3.16
C ASN A 524 29.92 -20.96 -4.53
N LYS A 525 29.48 -22.21 -4.62
CA LYS A 525 28.99 -22.75 -5.88
C LYS A 525 27.54 -22.35 -6.12
N ASN A 526 26.87 -21.83 -5.09
CA ASN A 526 25.47 -21.44 -5.22
C ASN A 526 25.13 -20.13 -4.54
N SER A 527 25.95 -19.10 -4.78
CA SER A 527 25.73 -17.79 -4.19
C SER A 527 24.43 -17.19 -4.68
N GLN A 528 24.13 -17.43 -5.94
CA GLN A 528 22.92 -16.93 -6.57
C GLN A 528 21.69 -17.33 -5.75
N LYS A 529 21.71 -18.55 -5.19
CA LYS A 529 20.58 -19.06 -4.43
C LYS A 529 20.42 -18.49 -3.02
N GLU A 530 21.52 -18.30 -2.29
CA GLU A 530 21.42 -17.79 -0.93
C GLU A 530 20.95 -16.35 -0.86
N GLN A 531 19.89 -16.13 -0.09
CA GLN A 531 19.31 -14.82 0.10
C GLN A 531 19.84 -14.26 1.41
N GLY A 532 20.45 -13.08 1.38
CA GLY A 532 21.01 -12.54 2.60
C GLY A 532 22.33 -13.26 2.77
N SER A 533 22.98 -13.17 3.92
CA SER A 533 24.25 -13.88 4.06
C SER A 533 24.51 -14.44 5.43
N ALA A 534 24.80 -15.74 5.46
CA ALA A 534 25.09 -16.45 6.69
C ALA A 534 26.51 -16.13 7.09
N LYS A 535 26.68 -15.74 8.35
CA LYS A 535 28.00 -15.41 8.86
C LYS A 535 28.44 -16.42 9.93
N CYS A 536 29.72 -16.40 10.27
CA CYS A 536 30.23 -17.30 11.30
C CYS A 536 29.98 -16.68 12.66
N SER A 537 29.69 -17.52 13.64
CA SER A 537 29.50 -17.02 14.99
C SER A 537 30.92 -16.84 15.49
N GLY A 538 31.17 -15.74 16.19
CA GLY A 538 32.50 -15.46 16.71
C GLY A 538 33.18 -14.37 15.92
N SER A 539 33.40 -14.58 14.63
CA SER A 539 34.07 -13.58 13.82
C SER A 539 33.09 -12.73 13.01
N GLY A 540 31.93 -13.29 12.71
CA GLY A 540 30.95 -12.55 11.94
C GLY A 540 31.28 -12.57 10.46
N LYS A 541 32.44 -13.16 10.12
CA LYS A 541 32.89 -13.25 8.74
C LYS A 541 31.98 -14.20 7.95
N PRO A 542 31.63 -13.85 6.70
CA PRO A 542 30.76 -14.68 5.87
C PRO A 542 31.27 -16.10 5.76
N VAL A 543 30.36 -17.06 5.90
CA VAL A 543 30.72 -18.47 5.84
C VAL A 543 31.44 -18.84 4.54
N ARG A 544 30.96 -18.30 3.42
CA ARG A 544 31.57 -18.58 2.13
C ARG A 544 33.05 -18.17 2.06
N SER A 545 33.44 -17.27 2.96
CA SER A 545 34.81 -16.75 3.01
C SER A 545 35.81 -17.81 3.47
N ILE A 546 35.32 -18.77 4.25
CA ILE A 546 36.17 -19.82 4.78
C ILE A 546 36.59 -20.86 3.73
N ILE A 547 37.86 -21.23 3.77
CA ILE A 547 38.42 -22.24 2.87
C ILE A 547 39.22 -23.21 3.74
N CYS A 548 39.04 -24.51 3.51
CA CYS A 548 39.75 -25.53 4.29
C CYS A 548 40.74 -26.36 3.45
N PRO A 549 41.91 -26.70 4.03
CA PRO A 549 42.90 -27.48 3.31
C PRO A 549 42.71 -28.98 3.56
C1 NAG B . -16.88 -23.38 -6.40
C2 NAG B . -16.75 -23.70 -7.88
C3 NAG B . -18.11 -24.17 -8.42
C4 NAG B . -18.72 -25.29 -7.56
C5 NAG B . -18.65 -24.91 -6.06
C6 NAG B . -19.04 -26.05 -5.13
C7 NAG B . -15.08 -22.49 -9.12
C8 NAG B . -13.97 -21.86 -8.29
N2 NAG B . -16.30 -22.53 -8.61
O3 NAG B . -17.96 -24.63 -9.76
O4 NAG B . -20.11 -25.48 -7.95
O5 NAG B . -17.31 -24.53 -5.68
O6 NAG B . -18.27 -27.21 -5.41
O7 NAG B . -14.81 -22.97 -10.23
C1 NAG B . -20.63 -26.77 -7.98
C2 NAG B . -22.18 -26.69 -7.90
C3 NAG B . -22.89 -27.98 -8.34
C4 NAG B . -22.25 -28.65 -9.56
C5 NAG B . -20.74 -28.72 -9.36
C6 NAG B . -20.03 -29.36 -10.54
C7 NAG B . -23.28 -25.31 -6.24
C8 NAG B . -22.52 -24.08 -5.78
N2 NAG B . -22.56 -26.39 -6.53
O3 NAG B . -24.25 -27.70 -8.65
O4 NAG B . -22.78 -29.96 -9.71
O5 NAG B . -20.20 -27.39 -9.20
O6 NAG B . -19.41 -30.58 -10.17
O7 NAG B . -24.52 -25.27 -6.32
C1 NAG C . 2.35 -15.87 6.70
C2 NAG C . 2.89 -15.11 5.48
C3 NAG C . 3.85 -13.98 5.88
C4 NAG C . 3.27 -13.11 7.01
C5 NAG C . 2.86 -14.05 8.14
C6 NAG C . 2.32 -13.33 9.36
C7 NAG C . 3.27 -16.19 3.39
C8 NAG C . 4.00 -17.27 2.61
N2 NAG C . 3.59 -16.05 4.66
O3 NAG C . 4.11 -13.17 4.73
O4 NAG C . 4.24 -12.14 7.48
O5 NAG C . 1.84 -14.97 7.67
O6 NAG C . 1.04 -12.78 9.09
O7 NAG C . 2.41 -15.51 2.83
C1 NAG C . 3.85 -10.80 7.48
C2 NAG C . 4.66 -10.00 8.48
C3 NAG C . 4.29 -8.49 8.41
C4 NAG C . 4.17 -7.95 6.96
C5 NAG C . 3.52 -8.97 6.01
C6 NAG C . 3.75 -8.59 4.54
C7 NAG C . 5.42 -10.86 10.61
C8 NAG C . 5.41 -10.27 12.02
N2 NAG C . 4.42 -10.50 9.82
O3 NAG C . 5.29 -7.73 9.08
O4 NAG C . 3.38 -6.72 6.91
O5 NAG C . 4.07 -10.28 6.18
O6 NAG C . 3.31 -7.27 4.28
O7 NAG C . 6.34 -11.60 10.26
C1 MAN C . 3.48 -5.73 7.88
C2 MAN C . 2.25 -4.77 7.83
C3 MAN C . 2.28 -3.87 6.58
C4 MAN C . 3.65 -3.17 6.51
C5 MAN C . 4.73 -4.24 6.46
C6 MAN C . 6.11 -3.60 6.34
O2 MAN C . 2.22 -3.97 9.00
O3 MAN C . 1.26 -2.88 6.68
O4 MAN C . 3.72 -2.36 5.34
O5 MAN C . 4.71 -5.00 7.69
O6 MAN C . 7.13 -4.55 6.64
C1 NAG D . 4.07 30.12 -22.14
C2 NAG D . 2.61 29.75 -22.44
C3 NAG D . 1.85 31.05 -22.67
C4 NAG D . 2.48 31.85 -23.81
C5 NAG D . 4.04 31.96 -23.74
C6 NAG D . 4.56 33.09 -22.88
C7 NAG D . 1.41 28.38 -24.03
C8 NAG D . 1.27 26.87 -23.87
N2 NAG D . 2.56 28.94 -23.65
O3 NAG D . 1.85 31.82 -21.48
O4 NAG D . 2.10 31.29 -25.07
O5 NAG D . 4.67 30.71 -23.30
O6 NAG D . 5.80 33.58 -23.39
O7 NAG D . 0.49 29.03 -24.52
CB PDJ E . -25.47 -7.81 12.33
SG PDJ E . -24.08 -8.94 12.02
C PDJ E . -27.99 -7.44 12.34
O PDJ E . -28.86 -7.57 13.19
N PDJ E . -26.95 -9.49 11.18
CA PDJ E . -26.86 -8.46 12.21
C1 PDJ E . -22.77 -8.23 13.06
C2 PDJ E . -21.50 -7.79 12.32
O2 PDJ E . -20.84 -6.75 13.02
C3 PDJ E . -21.85 -7.33 10.90
O3 PDJ E . -20.68 -6.93 10.19
C11 PDJ E . -18.29 3.88 -3.43
C12 PDJ E . -18.99 2.56 -3.15
C13 PDJ E . -18.22 1.63 -2.22
C14 PDJ E . -18.97 0.33 -1.94
C15 PDJ E . -18.18 -0.56 -1.00
C16 PDJ E . -18.94 -1.81 -0.58
C17 PDJ E . -19.02 -1.92 0.93
C18 PDJ E . -19.46 -3.32 1.39
C19 PDJ E . -18.37 -3.97 2.23
C20 PDJ E . -18.76 -5.33 2.78
C21 PDJ E . -18.52 -5.41 4.29
C22 PDJ E . -18.07 -6.81 4.72
C23 PDJ E . -18.02 -6.95 6.24
C24 PDJ E . -19.42 -6.92 6.85
C25 PDJ E . -19.48 -7.66 8.18
C26 PDJ E . -20.75 -7.35 8.96
O28 PDJ E . -21.84 -7.53 8.40
C31 PDJ E . -17.40 4.00 4.91
C32 PDJ E . -17.46 2.48 4.82
C33 PDJ E . -18.88 1.92 4.84
C34 PDJ E . -18.87 0.40 4.90
C35 PDJ E . -20.27 -0.16 5.17
C36 PDJ E . -20.24 -1.66 5.46
C37 PDJ E . -19.39 -1.99 6.70
C38 PDJ E . -19.44 -3.49 7.02
C39 PDJ E . -19.25 -3.77 8.52
C40 PDJ E . -17.78 -3.78 8.92
C41 PDJ E . -17.51 -2.87 10.11
C42 PDJ E . -18.42 -3.17 11.30
C43 PDJ E . -18.13 -4.54 11.92
C44 PDJ E . -18.90 -4.73 13.22
C45 PDJ E . -18.63 -6.10 13.81
C46 PDJ E . -19.65 -7.13 13.38
O47 PDJ E . -19.33 -8.32 13.41
#